data_5OBJ
#
_entry.id   5OBJ
#
_cell.length_a   83.410
_cell.length_b   83.410
_cell.length_c   172.090
_cell.angle_alpha   90.00
_cell.angle_beta   90.00
_cell.angle_gamma   120.00
#
_symmetry.space_group_name_H-M   'P 61 2 2'
#
loop_
_entity.id
_entity.type
_entity.pdbx_description
1 polymer 'Aurora kinase A'
2 non-polymer 'MAGNESIUM ION'
3 non-polymer 'SULFATE ION'
4 non-polymer "ADENOSINE-5'-TRIPHOSPHATE"
5 non-polymer '2-(3-fluorophenyl)quinoline-4-carboxylic acid'
6 water water
#
_entity_poly.entity_id   1
_entity_poly.type   'polypeptide(L)'
_entity_poly.pdbx_seq_one_letter_code
;GSMGSKRQWALEDFEIGRPLGKGKFGNVYLAREKQSKFILALKVLFKAQLEKAGVEHQLRREVEIQSHLRHPNILRLYGY
FHDATRVYLILEYAPLGTVYRELQKLSKFDEQRTATYITELANALSYCHSKRVIHRDIKPENLLLGSAGELKIADFGWSV
HAPSSRRTTLCGTLDYLPPEMIEGRMHDEKVDLWSLGVLCYEFLVGKPPFEANTYQETYKRISRVEFTFPDFVTEGARDL
ISRLLKHNPSQRPMLREVLEHPWITANSSKPS
;
_entity_poly.pdbx_strand_id   A
#
loop_
_chem_comp.id
_chem_comp.type
_chem_comp.name
_chem_comp.formula
9QK non-polymer '2-(3-fluorophenyl)quinoline-4-carboxylic acid' 'C16 H10 F N O2'
ATP non-polymer ADENOSINE-5'-TRIPHOSPHATE 'C10 H16 N5 O13 P3'
MG non-polymer 'MAGNESIUM ION' 'Mg 2'
SO4 non-polymer 'SULFATE ION' 'O4 S -2'
#
# COMPACT_ATOMS: atom_id res chain seq x y z
N GLN A 8 13.06 -18.23 18.64
CA GLN A 8 13.00 -17.01 19.46
C GLN A 8 11.58 -16.67 19.94
N TRP A 9 10.55 -16.82 19.09
CA TRP A 9 9.16 -16.52 19.43
C TRP A 9 8.28 -17.75 19.24
N ALA A 10 7.37 -17.98 20.19
CA ALA A 10 6.34 -19.01 20.07
C ALA A 10 4.98 -18.43 20.40
N LEU A 11 3.92 -19.05 19.86
CA LEU A 11 2.57 -18.55 20.12
C LEU A 11 2.26 -18.46 21.61
N GLU A 12 2.86 -19.32 22.43
CA GLU A 12 2.69 -19.26 23.88
C GLU A 12 2.89 -17.87 24.46
N ASP A 13 3.70 -17.02 23.82
CA ASP A 13 4.16 -15.78 24.45
C ASP A 13 3.19 -14.61 24.28
N PHE A 14 2.00 -14.84 23.69
CA PHE A 14 1.05 -13.77 23.42
C PHE A 14 -0.35 -14.15 23.86
N GLU A 15 -1.14 -13.13 24.25
CA GLU A 15 -2.58 -13.27 24.46
C GLU A 15 -3.32 -12.62 23.30
N ILE A 16 -4.31 -13.32 22.75
CA ILE A 16 -4.97 -12.94 21.50
C ILE A 16 -6.26 -12.19 21.80
N GLY A 17 -6.29 -10.89 21.48
CA GLY A 17 -7.52 -10.13 21.50
C GLY A 17 -8.39 -10.35 20.27
N ARG A 18 -9.20 -9.33 19.97
CA ARG A 18 -10.24 -9.40 18.95
C ARG A 18 -9.65 -9.43 17.54
N PRO A 19 -10.43 -9.86 16.55
CA PRO A 19 -9.96 -9.81 15.16
C PRO A 19 -9.88 -8.38 14.65
N LEU A 20 -8.82 -8.10 13.90
CA LEU A 20 -8.59 -6.79 13.29
C LEU A 20 -8.84 -6.76 11.80
N GLY A 21 -8.99 -7.89 11.15
CA GLY A 21 -9.31 -7.86 9.73
C GLY A 21 -8.96 -9.19 9.06
N LYS A 22 -9.58 -9.41 7.91
CA LYS A 22 -9.45 -10.64 7.15
C LYS A 22 -8.46 -10.42 6.00
N GLY A 23 -7.44 -11.28 5.90
CA GLY A 23 -6.59 -11.32 4.72
C GLY A 23 -6.90 -12.52 3.84
N LYS A 24 -6.39 -12.47 2.60
CA LYS A 24 -6.62 -13.51 1.61
C LYS A 24 -6.25 -14.89 2.17
N PHE A 25 -5.25 -14.95 3.05
CA PHE A 25 -4.75 -16.20 3.60
C PHE A 25 -4.97 -16.34 5.10
N GLY A 26 -5.72 -15.44 5.73
CA GLY A 26 -5.99 -15.57 7.14
C GLY A 26 -6.33 -14.23 7.79
N ASN A 27 -6.44 -14.27 9.11
CA ASN A 27 -6.85 -13.11 9.90
C ASN A 27 -5.65 -12.41 10.53
N VAL A 28 -5.87 -11.17 10.95
CA VAL A 28 -4.97 -10.42 11.80
C VAL A 28 -5.68 -10.24 13.14
N TYR A 29 -4.98 -10.50 14.23
CA TYR A 29 -5.57 -10.38 15.55
C TYR A 29 -4.79 -9.35 16.37
N LEU A 30 -5.50 -8.68 17.27
CA LEU A 30 -4.83 -7.89 18.28
C LEU A 30 -4.18 -8.84 19.25
N ALA A 31 -3.00 -8.49 19.73
CA ALA A 31 -2.30 -9.40 20.62
C ALA A 31 -1.37 -8.63 21.53
N ARG A 32 -1.01 -9.27 22.64
CA ARG A 32 -0.11 -8.67 23.63
C ARG A 32 0.97 -9.65 24.01
N GLU A 33 2.23 -9.19 23.99
CA GLU A 33 3.32 -9.97 24.54
C GLU A 33 3.16 -10.14 26.04
N LYS A 34 3.18 -11.40 26.51
CA LYS A 34 2.85 -11.68 27.90
C LYS A 34 3.85 -11.06 28.87
N GLN A 35 5.15 -11.06 28.56
CA GLN A 35 6.12 -10.62 29.55
C GLN A 35 6.47 -9.14 29.46
N SER A 36 6.31 -8.51 28.31
CA SER A 36 6.56 -7.08 28.17
C SER A 36 5.29 -6.26 28.14
N LYS A 37 4.15 -6.90 27.87
CA LYS A 37 2.84 -6.27 27.79
C LYS A 37 2.67 -5.43 26.53
N PHE A 38 3.58 -5.61 25.56
CA PHE A 38 3.60 -4.87 24.30
C PHE A 38 2.39 -5.23 23.45
N ILE A 39 1.72 -4.23 22.89
CA ILE A 39 0.52 -4.44 22.08
C ILE A 39 0.92 -4.44 20.62
N LEU A 40 0.40 -5.40 19.85
CA LEU A 40 0.86 -5.63 18.48
C LEU A 40 -0.24 -6.34 17.70
N ALA A 41 -0.06 -6.36 16.38
CA ALA A 41 -0.90 -7.13 15.49
C ALA A 41 -0.15 -8.37 15.08
N LEU A 42 -0.88 -9.48 15.00
CA LEU A 42 -0.31 -10.80 14.79
C LEU A 42 -1.05 -11.42 13.63
N LYS A 43 -0.49 -11.30 12.43
CA LYS A 43 -1.09 -11.87 11.23
C LYS A 43 -0.85 -13.37 11.17
N VAL A 44 -1.92 -14.13 10.95
CA VAL A 44 -1.85 -15.57 10.83
C VAL A 44 -2.06 -15.91 9.36
N LEU A 45 -1.25 -16.82 8.85
CA LEU A 45 -1.44 -17.37 7.52
C LEU A 45 -1.39 -18.89 7.63
N PHE A 46 -2.22 -19.58 6.84
CA PHE A 46 -2.37 -21.02 6.93
C PHE A 46 -1.50 -21.71 5.89
N LYS A 47 -0.67 -22.66 6.35
CA LYS A 47 0.33 -23.29 5.50
C LYS A 47 -0.32 -24.08 4.37
N ALA A 48 -1.41 -24.79 4.68
CA ALA A 48 -2.20 -25.45 3.64
C ALA A 48 -2.47 -24.51 2.47
N GLN A 49 -3.20 -23.42 2.74
CA GLN A 49 -3.53 -22.49 1.66
C GLN A 49 -2.29 -21.85 1.05
N LEU A 50 -1.20 -21.75 1.80
CA LEU A 50 0.01 -21.14 1.25
C LEU A 50 0.70 -22.08 0.28
N GLU A 51 0.73 -23.38 0.63
CA GLU A 51 1.23 -24.42 -0.29
C GLU A 51 0.36 -24.50 -1.55
N LYS A 52 -0.96 -24.68 -1.38
CA LYS A 52 -1.86 -24.82 -2.53
C LYS A 52 -1.71 -23.63 -3.48
N ALA A 53 -1.64 -22.41 -2.94
CA ALA A 53 -1.49 -21.27 -3.83
C ALA A 53 -0.08 -21.17 -4.37
N GLY A 54 0.90 -21.74 -3.66
CA GLY A 54 2.29 -21.69 -4.05
C GLY A 54 2.95 -20.33 -3.85
N VAL A 55 2.98 -19.86 -2.61
CA VAL A 55 3.56 -18.56 -2.30
C VAL A 55 4.49 -18.64 -1.10
N GLU A 56 4.82 -19.87 -0.66
CA GLU A 56 5.75 -20.03 0.46
C GLU A 56 7.04 -19.25 0.21
N HIS A 57 7.59 -19.35 -0.99
CA HIS A 57 8.83 -18.63 -1.26
C HIS A 57 8.56 -17.15 -1.40
N GLN A 58 7.39 -16.78 -1.91
CA GLN A 58 7.05 -15.36 -2.09
C GLN A 58 6.85 -14.68 -0.75
N LEU A 59 6.29 -15.40 0.20
CA LEU A 59 6.11 -14.87 1.55
C LEU A 59 7.45 -14.68 2.24
N ARG A 60 8.39 -15.61 2.05
CA ARG A 60 9.73 -15.43 2.61
C ARG A 60 10.42 -14.22 2.02
N ARG A 61 10.09 -13.88 0.75
CA ARG A 61 10.64 -12.68 0.13
C ARG A 61 10.06 -11.42 0.75
N GLU A 62 8.76 -11.42 1.02
CA GLU A 62 8.13 -10.31 1.74
C GLU A 62 8.74 -10.14 3.13
N VAL A 63 8.91 -11.24 3.87
CA VAL A 63 9.37 -11.16 5.26
C VAL A 63 10.79 -10.62 5.34
N GLU A 64 11.65 -10.98 4.38
CA GLU A 64 13.03 -10.51 4.43
C GLU A 64 13.13 -9.02 4.09
N ILE A 65 12.43 -8.59 3.05
CA ILE A 65 12.47 -7.18 2.66
C ILE A 65 11.93 -6.28 3.78
N GLN A 66 10.85 -6.71 4.44
CA GLN A 66 10.17 -5.83 5.39
C GLN A 66 10.91 -5.71 6.73
N SER A 67 11.53 -6.79 7.22
CA SER A 67 12.23 -6.69 8.51
C SER A 67 13.45 -5.80 8.46
N HIS A 68 13.88 -5.38 7.27
CA HIS A 68 15.04 -4.52 7.10
C HIS A 68 14.65 -3.07 6.80
N LEU A 69 13.37 -2.75 6.86
CA LEU A 69 12.93 -1.39 6.63
C LEU A 69 12.55 -0.75 7.95
N ARG A 70 12.95 0.51 8.13
CA ARG A 70 12.54 1.27 9.30
C ARG A 70 12.27 2.70 8.83
N HIS A 71 11.00 3.12 8.89
CA HIS A 71 10.56 4.43 8.44
C HIS A 71 9.27 4.76 9.18
N PRO A 72 9.02 6.03 9.52
CA PRO A 72 7.79 6.37 10.26
C PRO A 72 6.50 6.09 9.50
N ASN A 73 6.57 5.88 8.18
CA ASN A 73 5.38 5.62 7.37
C ASN A 73 5.44 4.27 6.69
N ILE A 74 6.26 3.36 7.17
CA ILE A 74 6.19 1.95 6.82
C ILE A 74 5.87 1.17 8.09
N LEU A 75 5.03 0.14 7.96
CA LEU A 75 4.60 -0.66 9.10
C LEU A 75 5.70 -1.64 9.51
N ARG A 76 6.08 -1.61 10.78
CA ARG A 76 7.18 -2.43 11.27
C ARG A 76 6.77 -3.89 11.27
N LEU A 77 7.66 -4.76 10.83
CA LEU A 77 7.56 -6.20 11.10
C LEU A 77 8.58 -6.51 12.19
N TYR A 78 8.12 -6.99 13.33
CA TYR A 78 9.02 -7.22 14.46
C TYR A 78 9.70 -8.57 14.37
N GLY A 79 9.01 -9.56 13.82
CA GLY A 79 9.50 -10.92 13.83
C GLY A 79 8.47 -11.82 13.19
N TYR A 80 8.55 -13.11 13.49
CA TYR A 80 7.80 -14.14 12.78
C TYR A 80 8.10 -15.49 13.42
N PHE A 81 7.17 -16.42 13.27
CA PHE A 81 7.39 -17.80 13.71
C PHE A 81 6.38 -18.69 12.98
N HIS A 82 6.48 -20.00 13.22
CA HIS A 82 5.55 -20.92 12.59
C HIS A 82 5.40 -22.15 13.45
N ASP A 83 4.36 -22.93 13.16
CA ASP A 83 4.02 -24.12 13.93
C ASP A 83 3.55 -25.20 12.96
N ALA A 84 2.95 -26.24 13.51
CA ALA A 84 2.56 -27.40 12.71
C ALA A 84 1.57 -27.06 11.59
N THR A 85 0.86 -25.94 11.65
CA THR A 85 -0.13 -25.67 10.61
C THR A 85 -0.20 -24.24 10.10
N ARG A 86 0.43 -23.25 10.76
CA ARG A 86 0.29 -21.85 10.38
C ARG A 86 1.62 -21.12 10.47
N VAL A 87 1.70 -19.97 9.78
CA VAL A 87 2.80 -19.02 9.89
C VAL A 87 2.28 -17.76 10.57
N TYR A 88 3.10 -17.14 11.42
CA TYR A 88 2.71 -15.98 12.22
C TYR A 88 3.63 -14.79 11.95
N LEU A 89 3.09 -13.70 11.45
CA LEU A 89 3.83 -12.45 11.30
C LEU A 89 3.49 -11.50 12.44
N ILE A 90 4.50 -11.03 13.17
CA ILE A 90 4.33 -10.10 14.29
C ILE A 90 4.53 -8.69 13.76
N LEU A 91 3.44 -7.96 13.61
CA LEU A 91 3.47 -6.64 12.99
C LEU A 91 3.18 -5.54 14.01
N GLU A 92 3.51 -4.31 13.64
CA GLU A 92 3.18 -3.14 14.44
C GLU A 92 1.68 -2.88 14.41
N TYR A 93 1.10 -2.54 15.55
CA TYR A 93 -0.34 -2.35 15.64
C TYR A 93 -0.69 -0.90 15.29
N ALA A 94 -1.53 -0.74 14.26
CA ALA A 94 -2.02 0.57 13.82
C ALA A 94 -3.40 0.83 14.40
N PRO A 95 -3.54 1.66 15.43
CA PRO A 95 -4.81 1.75 16.16
C PRO A 95 -5.94 2.47 15.44
N LEU A 96 -5.72 3.10 14.30
CA LEU A 96 -6.80 3.85 13.67
C LEU A 96 -7.34 3.15 12.43
N GLY A 97 -6.98 1.88 12.19
CA GLY A 97 -7.49 1.13 11.06
C GLY A 97 -6.87 1.53 9.74
N THR A 98 -7.59 1.18 8.66
CA THR A 98 -7.16 1.40 7.28
C THR A 98 -7.72 2.68 6.67
N VAL A 99 -6.99 3.18 5.67
CA VAL A 99 -7.43 4.31 4.84
C VAL A 99 -8.66 3.91 4.04
N TYR A 100 -8.78 2.62 3.70
CA TYR A 100 -9.97 2.09 3.02
C TYR A 100 -11.23 2.36 3.82
N ARG A 101 -11.20 2.13 5.15
CA ARG A 101 -12.42 2.33 5.91
C ARG A 101 -12.69 3.82 6.13
N GLU A 102 -11.64 4.63 6.15
CA GLU A 102 -11.81 6.06 6.26
C GLU A 102 -12.50 6.63 5.02
N LEU A 103 -12.21 6.06 3.84
CA LEU A 103 -12.91 6.46 2.63
C LEU A 103 -14.39 6.07 2.68
N GLN A 104 -14.70 4.87 3.14
CA GLN A 104 -16.08 4.43 3.22
C GLN A 104 -16.89 5.34 4.11
N LYS A 105 -16.32 5.77 5.24
CA LYS A 105 -17.04 6.61 6.18
C LYS A 105 -17.22 8.05 5.67
N LEU A 106 -16.22 8.59 4.96
CA LEU A 106 -16.26 9.99 4.53
C LEU A 106 -16.53 10.20 3.04
N SER A 107 -16.51 9.13 2.24
CA SER A 107 -16.67 9.18 0.79
C SER A 107 -15.50 9.81 0.04
N LYS A 108 -15.23 11.11 0.23
CA LYS A 108 -14.10 11.79 -0.39
C LYS A 108 -13.25 12.43 0.72
N PHE A 109 -12.03 12.84 0.37
CA PHE A 109 -11.14 13.57 1.27
C PHE A 109 -10.95 15.00 0.74
N ASP A 110 -10.77 15.95 1.67
CA ASP A 110 -10.41 17.32 1.30
C ASP A 110 -8.97 17.35 0.80
N GLU A 111 -8.53 18.52 0.31
CA GLU A 111 -7.18 18.58 -0.25
C GLU A 111 -6.11 18.53 0.84
N GLN A 112 -6.43 18.92 2.08
CA GLN A 112 -5.40 18.86 3.12
C GLN A 112 -5.07 17.42 3.47
N ARG A 113 -6.09 16.63 3.77
CA ARG A 113 -5.86 15.21 4.05
C ARG A 113 -5.17 14.51 2.89
N THR A 114 -5.62 14.77 1.65
CA THR A 114 -5.04 14.10 0.48
C THR A 114 -3.57 14.46 0.33
N ALA A 115 -3.26 15.76 0.33
CA ALA A 115 -1.87 16.19 0.12
C ALA A 115 -0.97 15.72 1.25
N THR A 116 -1.49 15.65 2.49
CA THR A 116 -0.70 15.10 3.58
C THR A 116 -0.43 13.61 3.36
N TYR A 117 -1.47 12.83 2.97
CA TYR A 117 -1.28 11.40 2.73
C TYR A 117 -0.31 11.15 1.58
N ILE A 118 -0.40 11.95 0.51
CA ILE A 118 0.52 11.80 -0.63
C ILE A 118 1.95 12.13 -0.22
N THR A 119 2.12 13.11 0.67
CA THR A 119 3.46 13.40 1.15
C THR A 119 4.03 12.17 1.87
N GLU A 120 3.32 11.69 2.88
CA GLU A 120 3.81 10.55 3.67
C GLU A 120 4.02 9.33 2.80
N LEU A 121 3.14 9.10 1.84
CA LEU A 121 3.32 8.01 0.88
C LEU A 121 4.62 8.19 0.10
N ALA A 122 4.85 9.40 -0.43
CA ALA A 122 6.04 9.66 -1.24
C ALA A 122 7.32 9.61 -0.41
N ASN A 123 7.27 10.11 0.83
CA ASN A 123 8.43 9.94 1.71
C ASN A 123 8.77 8.47 1.86
N ALA A 124 7.76 7.64 2.16
CA ALA A 124 8.03 6.23 2.42
C ALA A 124 8.50 5.52 1.16
N LEU A 125 7.94 5.89 0.01
CA LEU A 125 8.39 5.27 -1.23
C LEU A 125 9.76 5.78 -1.65
N SER A 126 10.16 6.98 -1.21
CA SER A 126 11.51 7.46 -1.48
C SER A 126 12.54 6.62 -0.74
N TYR A 127 12.35 6.45 0.57
CA TYR A 127 13.18 5.55 1.36
C TYR A 127 13.15 4.13 0.79
N CYS A 128 11.98 3.66 0.38
CA CYS A 128 11.90 2.34 -0.24
C CYS A 128 12.81 2.23 -1.44
N HIS A 129 12.83 3.26 -2.29
CA HIS A 129 13.64 3.23 -3.50
C HIS A 129 15.13 3.36 -3.18
N SER A 130 15.48 4.07 -2.11
CA SER A 130 16.89 4.16 -1.74
C SER A 130 17.46 2.80 -1.39
N LYS A 131 16.65 1.89 -0.83
CA LYS A 131 17.04 0.49 -0.69
C LYS A 131 16.63 -0.33 -1.91
N ARG A 132 16.24 0.35 -2.99
CA ARG A 132 15.83 -0.25 -4.25
C ARG A 132 14.78 -1.37 -4.04
N VAL A 133 13.72 -1.01 -3.32
CA VAL A 133 12.56 -1.86 -3.07
C VAL A 133 11.35 -1.24 -3.76
N ILE A 134 10.56 -2.06 -4.47
CA ILE A 134 9.35 -1.60 -5.15
C ILE A 134 8.14 -2.34 -4.61
N HIS A 135 7.10 -1.60 -4.24
CA HIS A 135 5.98 -2.18 -3.51
C HIS A 135 4.95 -2.83 -4.42
N ARG A 136 4.60 -2.18 -5.54
CA ARG A 136 3.76 -2.72 -6.60
C ARG A 136 2.30 -2.95 -6.18
N ASP A 137 1.90 -2.63 -4.95
CA ASP A 137 0.53 -2.96 -4.55
C ASP A 137 0.01 -2.03 -3.45
N ILE A 138 0.20 -0.73 -3.59
CA ILE A 138 -0.41 0.18 -2.63
C ILE A 138 -1.84 0.43 -3.08
N LYS A 139 -2.76 -0.12 -2.32
CA LYS A 139 -4.21 -0.07 -2.26
C LYS A 139 -4.59 0.57 -0.92
N PRO A 140 -5.65 1.39 -0.86
CA PRO A 140 -6.12 1.87 0.46
C PRO A 140 -6.35 0.76 1.48
N GLU A 141 -6.67 -0.46 1.02
CA GLU A 141 -6.75 -1.69 1.84
C GLU A 141 -5.48 -1.90 2.65
N ASN A 142 -4.32 -1.53 2.09
CA ASN A 142 -3.00 -1.81 2.64
C ASN A 142 -2.33 -0.58 3.23
N LEU A 143 -3.04 0.54 3.38
CA LEU A 143 -2.49 1.72 4.03
C LEU A 143 -3.22 1.86 5.36
N LEU A 144 -2.50 1.70 6.47
CA LEU A 144 -3.05 1.78 7.82
C LEU A 144 -2.80 3.16 8.40
N LEU A 145 -3.37 3.44 9.57
CA LEU A 145 -3.20 4.75 10.20
C LEU A 145 -2.71 4.60 11.64
N GLY A 146 -1.60 5.27 11.95
CA GLY A 146 -1.02 5.22 13.28
C GLY A 146 -1.86 6.00 14.29
N SER A 147 -1.44 5.93 15.55
CA SER A 147 -2.25 6.49 16.63
C SER A 147 -2.39 8.01 16.55
N ALA A 148 -1.46 8.70 15.88
CA ALA A 148 -1.60 10.14 15.63
C ALA A 148 -2.16 10.42 14.24
N GLY A 149 -2.65 9.40 13.53
CA GLY A 149 -3.21 9.60 12.22
C GLY A 149 -2.24 9.49 11.06
N GLU A 150 -0.97 9.19 11.31
CA GLU A 150 0.02 9.10 10.24
C GLU A 150 -0.24 7.89 9.34
N LEU A 151 0.13 8.00 8.07
CA LEU A 151 -0.10 6.94 7.09
C LEU A 151 1.02 5.91 7.14
N LYS A 152 0.66 4.62 7.08
CA LYS A 152 1.64 3.54 7.20
C LYS A 152 1.39 2.46 6.15
N ILE A 153 2.40 2.23 5.29
CA ILE A 153 2.29 1.21 4.25
C ILE A 153 2.46 -0.18 4.87
N ALA A 154 1.59 -1.11 4.48
CA ALA A 154 1.67 -2.47 4.96
C ALA A 154 1.68 -3.47 3.81
N ASP A 155 1.27 -4.71 4.08
CA ASP A 155 1.38 -5.83 3.15
C ASP A 155 2.84 -6.09 2.73
N PHE A 156 3.31 -5.59 1.57
CA PHE A 156 4.60 -5.97 0.98
C PHE A 156 4.59 -7.40 0.46
N GLY A 157 3.40 -7.90 0.12
CA GLY A 157 3.29 -9.28 -0.32
C GLY A 157 3.80 -9.51 -1.73
N TRP A 158 3.62 -8.52 -2.61
CA TRP A 158 4.01 -8.64 -4.01
C TRP A 158 5.17 -7.70 -4.36
N SER A 159 5.98 -7.33 -3.35
CA SER A 159 7.09 -6.40 -3.48
C SER A 159 8.40 -7.12 -3.82
N VAL A 160 9.36 -6.35 -4.37
CA VAL A 160 10.55 -6.93 -4.99
C VAL A 160 11.58 -5.82 -5.25
N HIS A 161 12.72 -6.19 -5.83
CA HIS A 161 13.87 -5.33 -6.12
C HIS A 161 13.93 -5.02 -7.62
N ALA A 162 14.45 -3.82 -7.96
CA ALA A 162 14.26 -3.29 -9.32
C ALA A 162 15.40 -3.71 -10.24
N PRO A 163 15.11 -4.13 -11.49
CA PRO A 163 13.73 -4.32 -11.98
C PRO A 163 13.19 -5.76 -11.82
N SER A 164 12.00 -6.09 -12.36
CA SER A 164 11.38 -7.40 -12.13
C SER A 164 10.33 -7.65 -13.22
N SER A 165 9.61 -8.78 -13.09
CA SER A 165 8.51 -9.14 -13.99
C SER A 165 7.68 -10.31 -13.47
N ARG A 166 7.22 -10.25 -12.22
CA ARG A 166 6.38 -11.31 -11.68
C ARG A 166 4.90 -10.97 -11.81
N CYS A 171 -5.44 -12.17 -9.89
CA CYS A 171 -5.28 -12.21 -8.43
C CYS A 171 -6.35 -11.33 -7.83
N GLY A 172 -6.06 -10.03 -7.73
CA GLY A 172 -6.99 -9.04 -7.25
C GLY A 172 -7.53 -8.18 -8.37
N THR A 173 -7.94 -6.93 -8.07
CA THR A 173 -8.46 -6.04 -9.10
C THR A 173 -7.32 -5.27 -9.76
N LEU A 174 -7.46 -5.04 -11.06
CA LEU A 174 -6.47 -4.33 -11.85
C LEU A 174 -6.29 -2.87 -11.46
N ASP A 175 -7.19 -2.33 -10.64
CA ASP A 175 -7.37 -0.89 -10.48
C ASP A 175 -6.09 -0.10 -10.18
N TYR A 176 -5.15 -0.66 -9.41
CA TYR A 176 -3.98 0.14 -8.99
C TYR A 176 -2.69 -0.15 -9.77
N LEU A 177 -2.68 -1.18 -10.69
CA LEU A 177 -1.58 -1.65 -11.52
C LEU A 177 -1.33 -0.71 -12.71
N PRO A 178 -0.08 -0.37 -13.01
CA PRO A 178 0.22 0.49 -14.19
C PRO A 178 0.17 -0.32 -15.48
N PRO A 179 0.19 0.35 -16.64
CA PRO A 179 0.02 -0.41 -17.90
C PRO A 179 1.16 -1.34 -18.21
N GLU A 180 2.41 -0.96 -17.92
CA GLU A 180 3.52 -1.88 -18.16
C GLU A 180 3.37 -3.18 -17.36
N MET A 181 2.73 -3.13 -16.19
CA MET A 181 2.56 -4.37 -15.43
C MET A 181 1.43 -5.22 -15.96
N ILE A 182 0.29 -4.61 -16.31
CA ILE A 182 -0.85 -5.38 -16.77
C ILE A 182 -0.64 -5.94 -18.17
N GLU A 183 0.26 -5.35 -18.96
CA GLU A 183 0.60 -5.86 -20.29
C GLU A 183 1.65 -6.95 -20.26
N GLY A 184 2.02 -7.45 -19.08
CA GLY A 184 3.06 -8.45 -18.93
C GLY A 184 4.48 -7.97 -19.10
N ARG A 185 4.66 -6.70 -19.51
CA ARG A 185 5.97 -6.14 -19.81
C ARG A 185 6.86 -6.09 -18.59
N MET A 186 7.99 -5.43 -18.74
CA MET A 186 9.01 -5.21 -17.72
C MET A 186 8.78 -3.86 -17.06
N HIS A 187 9.01 -3.80 -15.74
CA HIS A 187 8.64 -2.64 -14.94
C HIS A 187 9.75 -2.31 -13.96
N ASP A 188 9.82 -1.04 -13.57
CA ASP A 188 10.85 -0.51 -12.68
C ASP A 188 10.27 0.22 -11.47
N GLU A 189 10.92 1.31 -11.05
CA GLU A 189 10.49 2.02 -9.85
C GLU A 189 9.38 3.02 -10.13
N LYS A 190 9.08 3.29 -11.38
CA LYS A 190 7.99 4.20 -11.69
C LYS A 190 6.63 3.54 -11.53
N VAL A 191 6.58 2.24 -11.28
CA VAL A 191 5.33 1.56 -10.97
C VAL A 191 4.67 2.25 -9.79
N ASP A 192 5.48 2.72 -8.83
CA ASP A 192 4.99 3.36 -7.63
C ASP A 192 4.50 4.77 -7.90
N LEU A 193 4.91 5.37 -9.02
CA LEU A 193 4.49 6.73 -9.31
C LEU A 193 3.10 6.75 -9.95
N TRP A 194 2.82 5.75 -10.78
CA TRP A 194 1.47 5.53 -11.27
C TRP A 194 0.53 5.24 -10.10
N SER A 195 0.96 4.39 -9.17
CA SER A 195 0.13 4.06 -8.02
C SER A 195 -0.21 5.30 -7.23
N LEU A 196 0.76 6.19 -7.06
CA LEU A 196 0.54 7.45 -6.36
C LEU A 196 -0.47 8.32 -7.09
N GLY A 197 -0.45 8.29 -8.43
CA GLY A 197 -1.47 9.02 -9.16
C GLY A 197 -2.87 8.46 -8.95
N VAL A 198 -2.98 7.13 -8.83
CA VAL A 198 -4.28 6.49 -8.66
C VAL A 198 -4.85 6.81 -7.28
N LEU A 199 -4.01 6.81 -6.25
CA LEU A 199 -4.51 7.09 -4.90
C LEU A 199 -4.99 8.52 -4.77
N CYS A 200 -4.20 9.46 -5.28
CA CYS A 200 -4.57 10.87 -5.24
C CYS A 200 -5.97 11.08 -5.82
N TYR A 201 -6.21 10.52 -7.01
CA TYR A 201 -7.54 10.54 -7.62
C TYR A 201 -8.57 9.96 -6.66
N GLU A 202 -8.35 8.72 -6.21
CA GLU A 202 -9.34 8.04 -5.36
C GLU A 202 -9.57 8.81 -4.07
N PHE A 203 -8.49 9.34 -3.47
CA PHE A 203 -8.67 10.15 -2.27
C PHE A 203 -9.61 11.34 -2.53
N LEU A 204 -9.44 12.05 -3.66
CA LEU A 204 -10.29 13.22 -3.90
C LEU A 204 -11.68 12.86 -4.43
N VAL A 205 -11.80 11.80 -5.24
CA VAL A 205 -13.04 11.52 -5.97
C VAL A 205 -13.93 10.49 -5.24
N GLY A 206 -13.32 9.50 -4.61
CA GLY A 206 -14.06 8.48 -3.89
C GLY A 206 -14.08 7.14 -4.61
N LYS A 207 -13.57 7.08 -5.83
CA LYS A 207 -13.41 5.87 -6.63
C LYS A 207 -12.18 6.10 -7.52
N PRO A 208 -11.42 5.05 -7.80
CA PRO A 208 -10.17 5.20 -8.59
C PRO A 208 -10.47 5.52 -10.04
N PRO A 209 -9.51 6.07 -10.78
CA PRO A 209 -9.83 6.62 -12.12
C PRO A 209 -10.14 5.60 -13.20
N PHE A 210 -10.01 4.31 -12.97
CA PHE A 210 -10.19 3.32 -14.04
C PHE A 210 -11.18 2.24 -13.65
N GLU A 211 -11.87 2.41 -12.52
CA GLU A 211 -12.90 1.49 -12.07
C GLU A 211 -13.86 1.14 -13.20
N ALA A 212 -14.36 -0.08 -13.17
CA ALA A 212 -15.30 -0.60 -14.15
C ALA A 212 -16.00 -1.75 -13.48
N ASN A 213 -17.04 -2.26 -14.12
CA ASN A 213 -17.67 -3.34 -13.39
C ASN A 213 -17.12 -4.70 -13.78
N THR A 214 -16.18 -4.71 -14.72
CA THR A 214 -15.52 -5.93 -15.20
C THR A 214 -14.02 -5.74 -15.35
N TYR A 215 -13.29 -6.84 -15.11
CA TYR A 215 -11.84 -6.88 -15.23
C TYR A 215 -11.42 -6.45 -16.61
N GLN A 216 -12.13 -6.95 -17.63
CA GLN A 216 -11.75 -6.76 -19.02
C GLN A 216 -11.83 -5.29 -19.48
N GLU A 217 -12.69 -4.48 -18.85
CA GLU A 217 -12.74 -3.06 -19.22
C GLU A 217 -11.73 -2.21 -18.45
N THR A 218 -11.54 -2.49 -17.15
CA THR A 218 -10.43 -1.90 -16.44
C THR A 218 -9.11 -2.11 -17.17
N TYR A 219 -8.95 -3.27 -17.83
CA TYR A 219 -7.76 -3.51 -18.64
C TYR A 219 -7.68 -2.48 -19.79
N LYS A 220 -8.76 -2.36 -20.57
CA LYS A 220 -8.81 -1.41 -21.69
C LYS A 220 -8.56 0.01 -21.20
N ARG A 221 -9.24 0.42 -20.13
CA ARG A 221 -9.17 1.80 -19.65
C ARG A 221 -7.80 2.13 -19.06
N ILE A 222 -7.17 1.21 -18.30
CA ILE A 222 -5.77 1.42 -17.89
C ILE A 222 -4.86 1.50 -19.12
N SER A 223 -5.00 0.55 -20.04
CA SER A 223 -4.11 0.47 -21.18
C SER A 223 -4.16 1.74 -22.04
N ARG A 224 -5.37 2.27 -22.28
CA ARG A 224 -5.58 3.53 -22.98
C ARG A 224 -5.37 4.78 -22.11
N VAL A 225 -5.42 4.66 -20.78
CA VAL A 225 -5.31 5.75 -19.81
C VAL A 225 -6.54 6.65 -19.98
N GLU A 226 -7.69 6.02 -20.01
CA GLU A 226 -8.98 6.65 -20.25
C GLU A 226 -9.61 6.99 -18.90
N PHE A 227 -9.53 8.26 -18.50
CA PHE A 227 -10.13 8.72 -17.25
C PHE A 227 -10.49 10.21 -17.34
N THR A 228 -11.53 10.62 -16.58
CA THR A 228 -11.99 12.01 -16.53
C THR A 228 -12.18 12.49 -15.10
N PHE A 229 -11.77 13.75 -14.84
CA PHE A 229 -12.02 14.40 -13.55
C PHE A 229 -13.45 14.94 -13.47
N PRO A 230 -14.09 14.87 -12.31
CA PRO A 230 -15.37 15.57 -12.12
C PRO A 230 -15.13 17.05 -11.81
N ASP A 231 -16.24 17.80 -11.65
CA ASP A 231 -16.17 19.25 -11.58
C ASP A 231 -15.25 19.73 -10.46
N PHE A 232 -15.46 19.23 -9.23
CA PHE A 232 -14.85 19.81 -8.05
C PHE A 232 -13.32 19.62 -7.96
N VAL A 233 -12.65 18.90 -8.86
CA VAL A 233 -11.22 18.70 -8.74
C VAL A 233 -10.49 19.93 -9.29
N THR A 234 -9.91 20.72 -8.38
CA THR A 234 -9.18 21.93 -8.71
C THR A 234 -8.02 21.65 -9.68
N GLU A 235 -7.50 22.73 -10.28
CA GLU A 235 -6.57 22.55 -11.39
C GLU A 235 -5.18 22.14 -10.91
N GLY A 236 -4.79 22.56 -9.72
CA GLY A 236 -3.55 22.04 -9.20
C GLY A 236 -3.56 20.53 -9.03
N ALA A 237 -4.72 19.95 -8.70
CA ALA A 237 -4.80 18.50 -8.52
C ALA A 237 -4.89 17.77 -9.85
N ARG A 238 -5.60 18.35 -10.82
CA ARG A 238 -5.57 17.79 -12.16
C ARG A 238 -4.16 17.79 -12.73
N ASP A 239 -3.36 18.79 -12.37
CA ASP A 239 -2.03 18.89 -12.96
C ASP A 239 -1.14 17.77 -12.47
N LEU A 240 -1.16 17.51 -11.15
CA LEU A 240 -0.30 16.48 -10.56
C LEU A 240 -0.76 15.08 -10.97
N ILE A 241 -2.07 14.82 -10.89
CA ILE A 241 -2.60 13.51 -11.25
C ILE A 241 -2.27 13.18 -12.69
N SER A 242 -2.50 14.13 -13.61
CA SER A 242 -2.25 13.87 -15.02
C SER A 242 -0.77 13.66 -15.30
N ARG A 243 0.10 14.26 -14.49
CA ARG A 243 1.53 14.06 -14.63
C ARG A 243 2.01 12.71 -14.11
N LEU A 244 1.21 12.05 -13.28
CA LEU A 244 1.57 10.74 -12.75
C LEU A 244 0.91 9.60 -13.51
N LEU A 245 -0.21 9.86 -14.18
CA LEU A 245 -0.92 8.86 -14.95
C LEU A 245 -0.55 9.04 -16.42
N LYS A 246 0.67 8.61 -16.76
CA LYS A 246 1.22 8.71 -18.11
C LYS A 246 1.65 7.32 -18.58
N HIS A 247 1.12 6.89 -19.73
CA HIS A 247 1.36 5.52 -20.20
C HIS A 247 2.85 5.18 -20.21
N ASN A 248 3.70 6.12 -20.62
CA ASN A 248 5.14 5.87 -20.68
C ASN A 248 5.76 6.08 -19.30
N PRO A 249 6.36 5.06 -18.68
CA PRO A 249 6.94 5.24 -17.33
C PRO A 249 7.95 6.38 -17.23
N SER A 250 8.87 6.51 -18.19
CA SER A 250 9.91 7.53 -18.14
C SER A 250 9.36 8.96 -18.10
N GLN A 251 8.13 9.18 -18.55
CA GLN A 251 7.59 10.52 -18.55
C GLN A 251 6.95 10.91 -17.23
N ARG A 252 6.92 9.99 -16.23
CA ARG A 252 6.44 10.29 -14.88
C ARG A 252 7.55 10.95 -14.05
N PRO A 253 7.19 11.83 -13.10
CA PRO A 253 8.23 12.54 -12.35
C PRO A 253 8.91 11.64 -11.33
N MET A 254 9.82 12.18 -10.55
CA MET A 254 10.33 11.43 -9.42
C MET A 254 9.73 12.00 -8.15
N LEU A 255 9.96 11.29 -7.04
CA LEU A 255 9.26 11.62 -5.81
C LEU A 255 9.63 13.01 -5.32
N ARG A 256 10.84 13.47 -5.61
CA ARG A 256 11.24 14.82 -5.19
C ARG A 256 10.39 15.89 -5.84
N GLU A 257 10.02 15.70 -7.11
CA GLU A 257 9.12 16.64 -7.77
C GLU A 257 7.74 16.60 -7.13
N VAL A 258 7.27 15.40 -6.75
CA VAL A 258 5.96 15.27 -6.12
C VAL A 258 5.95 16.00 -4.79
N LEU A 259 6.98 15.76 -3.98
CA LEU A 259 7.11 16.42 -2.68
C LEU A 259 7.20 17.94 -2.80
N GLU A 260 7.55 18.45 -3.98
CA GLU A 260 7.69 19.88 -4.22
C GLU A 260 6.65 20.43 -5.20
N HIS A 261 5.61 19.68 -5.53
CA HIS A 261 4.59 20.19 -6.43
C HIS A 261 3.81 21.31 -5.73
N PRO A 262 3.51 22.40 -6.45
CA PRO A 262 2.81 23.55 -5.83
C PRO A 262 1.53 23.21 -5.11
N TRP A 263 0.82 22.18 -5.58
CA TRP A 263 -0.43 21.75 -4.95
C TRP A 263 -0.15 20.97 -3.67
N ILE A 264 0.92 20.17 -3.65
CA ILE A 264 1.30 19.47 -2.43
C ILE A 264 1.70 20.47 -1.36
N THR A 265 2.57 21.43 -1.72
CA THR A 265 3.12 22.35 -0.73
C THR A 265 2.05 23.28 -0.16
N ALA A 266 1.09 23.71 -0.98
CA ALA A 266 0.04 24.60 -0.50
C ALA A 266 -0.92 23.92 0.46
N ASN A 267 -1.15 22.61 0.28
CA ASN A 267 -2.16 21.92 1.06
C ASN A 267 -1.63 20.92 2.08
N SER A 268 -0.39 20.44 1.95
CA SER A 268 0.08 19.46 2.91
C SER A 268 0.42 20.13 4.23
N SER A 269 0.46 19.30 5.27
CA SER A 269 0.80 19.78 6.59
C SER A 269 2.32 19.86 6.75
N LYS A 270 2.77 20.58 7.82
CA LYS A 270 4.18 20.86 8.01
C LYS A 270 4.87 19.71 8.77
N PRO A 271 6.20 19.53 8.58
CA PRO A 271 6.96 18.52 9.33
C PRO A 271 6.94 18.75 10.86
MG MG B . -3.60 -6.33 1.79
MG MG C . 10.15 -25.87 2.87
S SO4 D . 12.55 -21.54 9.28
O1 SO4 D . 13.84 -21.86 8.68
O2 SO4 D . 12.60 -21.77 10.72
O3 SO4 D . 12.24 -20.13 9.05
O4 SO4 D . 11.52 -22.39 8.68
PG ATP E . -0.95 -11.34 1.74
O1G ATP E . 0.12 -12.01 2.60
O2G ATP E . -0.37 -10.45 0.65
O3G ATP E . -2.04 -12.28 1.23
PB ATP E . -3.25 -9.97 2.96
O1B ATP E . -3.63 -8.87 2.00
O2B ATP E . -4.05 -11.27 2.95
O3B ATP E . -1.66 -10.29 2.76
PA ATP E . -3.09 -7.89 4.97
O1A ATP E . -1.70 -7.68 5.55
O2A ATP E . -3.52 -6.96 3.84
O3A ATP E . -3.28 -9.43 4.50
O5' ATP E . -4.15 -7.74 6.19
C5' ATP E . -5.55 -7.97 6.02
C4' ATP E . -6.43 -6.86 6.63
O4' ATP E . -6.32 -6.75 8.06
C3' ATP E . -6.14 -5.47 6.06
O3' ATP E . -6.90 -5.19 4.87
C2' ATP E . -6.45 -4.55 7.23
O2' ATP E . -7.85 -4.20 7.21
C1' ATP E . -6.23 -5.38 8.48
N9 ATP E . -4.89 -5.18 9.11
C8 ATP E . -3.72 -5.69 8.66
N7 ATP E . -2.67 -5.36 9.46
C5 ATP E . -3.17 -4.60 10.45
C6 ATP E . -2.58 -3.92 11.64
N6 ATP E . -1.24 -4.00 11.88
N1 ATP E . -3.42 -3.23 12.45
C2 ATP E . -4.76 -3.16 12.18
N3 ATP E . -5.35 -3.75 11.12
C4 ATP E . -4.62 -4.48 10.23
C8 9QK F . 8.92 -18.64 8.21
N 9QK F . 5.89 -21.07 5.42
C 9QK F . 7.73 -24.85 6.34
O 9QK F . 7.60 -25.29 7.56
C1 9QK F . 6.99 -23.57 6.08
C10 9QK F . 5.33 -22.22 4.94
C11 9QK F . 4.18 -22.12 4.10
C12 9QK F . 3.59 -23.24 3.60
C13 9QK F . 4.07 -24.50 3.91
C14 9QK F . 5.16 -24.64 4.72
C15 9QK F . 5.82 -23.52 5.25
C2 9QK F . 7.52 -22.39 6.55
C3 9QK F . 6.96 -21.17 6.20
C4 9QK F . 7.57 -19.89 6.64
C5 9QK F . 7.42 -18.73 5.88
C6 9QK F . 8.02 -17.57 6.31
C7 9QK F . 8.77 -17.49 7.45
C9 9QK F . 8.33 -19.83 7.80
F 9QK F . 7.89 -16.45 5.55
O1 9QK F . 8.40 -25.41 5.46
#